data_6ML7
#
_entry.id   6ML7
#
_cell.length_a   46.130
_cell.length_b   68.707
_cell.length_c   48.448
_cell.angle_alpha   90.00
_cell.angle_beta   92.58
_cell.angle_gamma   90.00
#
_symmetry.space_group_name_H-M   'P 1 21 1'
#
loop_
_entity.id
_entity.type
_entity.pdbx_description
1 polymer 'Zinc finger and BTB domain-containing protein 24'
2 polymer "DNA (5'-D(*AP*CP*GP*CP*AP*GP*GP*TP*CP*CP*TP*GP*GP*AP*(5CM)P*GP*AP*AP*TP*T)-3')"
3 polymer "DNA (5'-D(*TP*AP*AP*TP*TP*CP*GP*TP*CP*CP*AP*GP*GP*AP*CP*CP*TP*GP*CP*G)-3')"
4 non-polymer 'ZINC ION'
5 non-polymer 1,2-ETHANEDIOL
6 non-polymer DI(HYDROXYETHYL)ETHER
7 water water
#
loop_
_entity_poly.entity_id
_entity_poly.type
_entity_poly.pdbx_seq_one_letter_code
_entity_poly.pdbx_strand_id
1 'polypeptide(L)'
;GPLGSKSFTCDQCGKYFSQKRQLKSHYRVHTGHSLPECSHCHRKFMDVSQLKKHLRTHTGEKPFTCEICGKSFTAKSSLQ
THIRIHRGEKPYSCSICGKCFSDSSAKRRHCILHTGKKPFSCPECGLQFARLDNLKAHLKIHSKEKHTADY
;
A
2 'polydeoxyribonucleotide'
;(DA)(DC)(DG)(DC)(DA)(DG)(DG)(DT)(DC)(DC)(DT)(DG)(DG)(DA)(5CM)(DG)(DA)(DA)(DT)
(DT)
;
E
3 'polydeoxyribonucleotide' (DT)(DA)(DA)(DT)(DT)(DC)(DG)(DT)(DC)(DC)(DA)(DG)(DG)(DA)(DC)(DC)(DT)(DG)(DC)(DG) F
#
loop_
_chem_comp.id
_chem_comp.type
_chem_comp.name
_chem_comp.formula
5CM DNA linking 5-METHYL-2'-DEOXY-CYTIDINE-5'-MONOPHOSPHATE 'C10 H16 N3 O7 P'
DA DNA linking 2'-DEOXYADENOSINE-5'-MONOPHOSPHATE 'C10 H14 N5 O6 P'
DC DNA linking 2'-DEOXYCYTIDINE-5'-MONOPHOSPHATE 'C9 H14 N3 O7 P'
DG DNA linking 2'-DEOXYGUANOSINE-5'-MONOPHOSPHATE 'C10 H14 N5 O7 P'
DT DNA linking THYMIDINE-5'-MONOPHOSPHATE 'C10 H15 N2 O8 P'
EDO non-polymer 1,2-ETHANEDIOL 'C2 H6 O2'
PEG non-polymer DI(HYDROXYETHYL)ETHER 'C4 H10 O3'
ZN non-polymer 'ZINC ION' 'Zn 2'
#
# COMPACT_ATOMS: atom_id res chain seq x y z
N GLY A 4 -17.14 0.69 29.59
CA GLY A 4 -17.93 0.16 30.68
C GLY A 4 -18.06 1.10 31.86
N SER A 5 -18.96 2.07 31.75
CA SER A 5 -19.81 2.21 30.56
C SER A 5 -19.25 3.27 29.62
N LYS A 6 -19.70 3.26 28.37
CA LYS A 6 -19.25 4.20 27.35
C LYS A 6 -20.47 4.76 26.64
N SER A 7 -20.62 6.09 26.67
CA SER A 7 -21.78 6.74 26.09
C SER A 7 -21.47 7.66 24.93
N PHE A 8 -20.19 7.86 24.58
CA PHE A 8 -19.81 8.67 23.43
C PHE A 8 -19.45 7.75 22.27
N THR A 9 -20.01 8.03 21.10
CA THR A 9 -19.78 7.22 19.90
C THR A 9 -19.34 8.10 18.74
N CYS A 10 -18.47 7.55 17.91
CA CYS A 10 -18.00 8.23 16.71
C CYS A 10 -19.00 7.98 15.59
N ASP A 11 -19.54 9.05 15.01
CA ASP A 11 -20.55 8.92 13.96
C ASP A 11 -19.95 8.53 12.60
N GLN A 12 -18.65 8.22 12.55
CA GLN A 12 -18.01 7.76 11.33
C GLN A 12 -17.71 6.27 11.36
N CYS A 13 -17.13 5.77 12.46
CA CYS A 13 -16.79 4.36 12.58
C CYS A 13 -17.52 3.63 13.69
N GLY A 14 -18.26 4.34 14.54
CA GLY A 14 -19.09 3.70 15.55
C GLY A 14 -18.39 3.31 16.84
N LYS A 15 -17.10 3.60 16.99
CA LYS A 15 -16.38 3.19 18.19
C LYS A 15 -16.87 3.97 19.40
N TYR A 16 -16.75 3.34 20.57
CA TYR A 16 -17.26 3.89 21.82
C TYR A 16 -16.15 4.49 22.66
N PHE A 17 -16.50 5.51 23.45
CA PHE A 17 -15.57 6.15 24.36
C PHE A 17 -16.28 6.54 25.64
N SER A 18 -15.53 6.57 26.74
CA SER A 18 -16.11 6.93 28.03
C SER A 18 -16.15 8.43 28.27
N GLN A 19 -15.25 9.19 27.64
CA GLN A 19 -15.18 10.63 27.82
C GLN A 19 -15.19 11.32 26.47
N LYS A 20 -15.88 12.47 26.40
CA LYS A 20 -15.93 13.23 25.16
C LYS A 20 -14.53 13.63 24.69
N ARG A 21 -13.61 13.88 25.63
CA ARG A 21 -12.24 14.19 25.25
C ARG A 21 -11.60 13.05 24.48
N GLN A 22 -11.95 11.81 24.83
CA GLN A 22 -11.40 10.66 24.10
C GLN A 22 -12.01 10.54 22.71
N LEU A 23 -13.31 10.81 22.58
CA LEU A 23 -13.93 10.83 21.26
C LEU A 23 -13.33 11.92 20.38
N LYS A 24 -13.17 13.12 20.95
CA LYS A 24 -12.60 14.23 20.19
C LYS A 24 -11.21 13.88 19.67
N SER A 25 -10.39 13.27 20.51
CA SER A 25 -9.04 12.87 20.09
C SER A 25 -9.11 11.85 18.95
N HIS A 26 -9.99 10.85 19.09
CA HIS A 26 -10.10 9.82 18.06
C HIS A 26 -10.58 10.41 16.73
N TYR A 27 -11.53 11.34 16.78
CA TYR A 27 -12.16 11.85 15.56
C TYR A 27 -11.17 12.45 14.58
N ARG A 28 -9.92 12.68 15.02
CA ARG A 28 -8.91 13.26 14.14
C ARG A 28 -8.51 12.32 13.02
N VAL A 29 -8.62 11.00 13.24
CA VAL A 29 -8.23 10.06 12.18
C VAL A 29 -9.16 10.20 10.98
N HIS A 30 -10.38 10.68 11.19
CA HIS A 30 -11.33 10.86 10.10
C HIS A 30 -11.21 12.22 9.43
N THR A 31 -10.98 13.28 10.21
CA THR A 31 -10.95 14.63 9.67
C THR A 31 -9.55 15.10 9.31
N GLY A 32 -8.50 14.43 9.82
CA GLY A 32 -7.14 14.89 9.62
C GLY A 32 -6.73 16.07 10.46
N HIS A 33 -7.66 16.68 11.19
CA HIS A 33 -7.33 17.85 11.98
C HIS A 33 -6.37 17.48 13.10
N SER A 34 -5.24 18.18 13.18
CA SER A 34 -4.24 18.02 14.24
C SER A 34 -3.59 16.63 14.23
N LEU A 35 -3.69 15.89 13.12
CA LEU A 35 -2.88 14.69 13.01
C LEU A 35 -1.42 15.06 12.74
N PRO A 36 -0.45 14.23 13.16
CA PRO A 36 0.96 14.56 12.93
C PRO A 36 1.28 14.98 11.50
N GLU A 37 1.87 16.15 11.32
CA GLU A 37 2.06 16.76 10.00
C GLU A 37 3.55 16.79 9.63
N CYS A 38 3.86 16.28 8.44
CA CYS A 38 5.23 16.27 7.95
C CYS A 38 5.67 17.68 7.59
N SER A 39 6.82 18.11 8.13
CA SER A 39 7.27 19.47 7.87
C SER A 39 7.63 19.69 6.41
N HIS A 40 7.98 18.63 5.68
CA HIS A 40 8.35 18.78 4.27
C HIS A 40 7.12 18.95 3.38
N CYS A 41 6.26 17.93 3.35
CA CYS A 41 5.14 17.89 2.40
C CYS A 41 3.79 18.21 3.05
N HIS A 42 3.75 18.36 4.37
CA HIS A 42 2.55 18.77 5.12
C HIS A 42 1.41 17.77 5.04
N ARG A 43 1.69 16.54 4.61
CA ARG A 43 0.72 15.47 4.76
C ARG A 43 0.61 15.09 6.23
N LYS A 44 -0.45 14.35 6.55
CA LYS A 44 -0.74 13.99 7.92
C LYS A 44 -0.75 12.46 8.05
N PHE A 45 -0.38 11.99 9.25
CA PHE A 45 -0.23 10.58 9.51
C PHE A 45 -0.88 10.22 10.83
N MET A 46 -1.08 8.92 11.04
CA MET A 46 -1.90 8.44 12.14
C MET A 46 -1.22 8.72 13.48
N ASP A 47 0.04 8.32 13.61
CA ASP A 47 0.81 8.63 14.81
C ASP A 47 2.20 9.08 14.38
N VAL A 48 2.98 9.56 15.34
CA VAL A 48 4.28 10.13 15.00
C VAL A 48 5.23 9.08 14.46
N SER A 49 5.00 7.80 14.76
CA SER A 49 5.88 6.77 14.21
C SER A 49 5.65 6.60 12.72
N GLN A 50 4.39 6.69 12.28
CA GLN A 50 4.11 6.65 10.85
C GLN A 50 4.65 7.90 10.15
N LEU A 51 4.59 9.04 10.83
CA LEU A 51 5.21 10.24 10.26
C LEU A 51 6.71 10.05 10.09
N LYS A 52 7.38 9.53 11.13
CA LYS A 52 8.82 9.31 11.04
C LYS A 52 9.14 8.35 9.90
N LYS A 53 8.35 7.29 9.76
CA LYS A 53 8.52 6.38 8.63
C LYS A 53 8.43 7.13 7.30
N HIS A 54 7.41 7.98 7.16
CA HIS A 54 7.22 8.72 5.92
C HIS A 54 8.36 9.68 5.65
N LEU A 55 9.00 10.21 6.70
CA LEU A 55 10.08 11.16 6.51
C LEU A 55 11.15 10.63 5.57
N ARG A 56 11.41 9.31 5.63
CA ARG A 56 12.45 8.73 4.81
C ARG A 56 12.13 8.76 3.32
N THR A 57 10.86 8.97 2.95
CA THR A 57 10.55 9.13 1.54
C THR A 57 11.16 10.41 0.98
N HIS A 58 11.47 11.38 1.84
CA HIS A 58 12.06 12.64 1.42
C HIS A 58 13.58 12.61 1.48
N THR A 59 14.17 11.79 2.34
CA THR A 59 15.62 11.75 2.50
C THR A 59 16.30 10.67 1.66
N GLY A 60 15.57 9.65 1.24
CA GLY A 60 16.18 8.55 0.53
C GLY A 60 16.89 7.55 1.40
N GLU A 61 16.77 7.67 2.72
CA GLU A 61 17.41 6.73 3.63
C GLU A 61 16.81 5.35 3.47
N LYS A 62 17.67 4.33 3.37
CA LYS A 62 17.27 2.93 3.24
C LYS A 62 18.03 2.15 4.30
N PRO A 63 17.51 2.12 5.53
CA PRO A 63 18.29 1.61 6.67
C PRO A 63 18.26 0.10 6.86
N PHE A 64 17.62 -0.67 5.99
CA PHE A 64 17.50 -2.12 6.17
C PHE A 64 18.25 -2.81 5.04
N THR A 65 19.47 -3.26 5.31
CA THR A 65 20.35 -3.83 4.29
C THR A 65 20.27 -5.36 4.29
N CYS A 66 20.25 -5.93 3.09
CA CYS A 66 20.34 -7.38 2.91
C CYS A 66 21.79 -7.82 3.09
N GLU A 67 22.03 -8.70 4.07
CA GLU A 67 23.39 -9.18 4.29
C GLU A 67 23.86 -10.14 3.20
N ILE A 68 22.98 -10.60 2.32
CA ILE A 68 23.37 -11.53 1.27
C ILE A 68 23.92 -10.79 0.05
N CYS A 69 23.20 -9.77 -0.43
CA CYS A 69 23.60 -9.05 -1.65
C CYS A 69 23.96 -7.59 -1.42
N GLY A 70 23.73 -7.04 -0.24
CA GLY A 70 24.12 -5.67 0.04
C GLY A 70 23.13 -4.60 -0.36
N LYS A 71 22.02 -4.96 -1.00
CA LYS A 71 21.02 -3.95 -1.34
C LYS A 71 20.25 -3.53 -0.09
N SER A 72 19.83 -2.27 -0.07
CA SER A 72 19.15 -1.68 1.07
C SER A 72 17.71 -1.32 0.72
N PHE A 73 16.86 -1.32 1.74
CA PHE A 73 15.41 -1.15 1.59
C PHE A 73 14.89 -0.12 2.58
N THR A 74 13.78 0.53 2.22
CA THR A 74 13.23 1.55 3.10
C THR A 74 12.55 0.96 4.33
N ALA A 75 12.13 -0.30 4.28
CA ALA A 75 11.34 -0.89 5.35
C ALA A 75 11.79 -2.32 5.62
N LYS A 76 11.75 -2.73 6.89
CA LYS A 76 12.19 -4.07 7.25
C LYS A 76 11.28 -5.13 6.63
N SER A 77 9.98 -4.83 6.50
CA SER A 77 9.09 -5.75 5.79
C SER A 77 9.54 -5.99 4.36
N SER A 78 10.01 -4.94 3.68
CA SER A 78 10.48 -5.10 2.31
C SER A 78 11.74 -5.94 2.26
N LEU A 79 12.63 -5.76 3.23
CA LEU A 79 13.82 -6.59 3.28
C LEU A 79 13.46 -8.05 3.52
N GLN A 80 12.53 -8.29 4.45
CA GLN A 80 12.07 -9.65 4.72
C GLN A 80 11.50 -10.29 3.46
N THR A 81 10.65 -9.56 2.74
CA THR A 81 10.12 -10.08 1.48
C THR A 81 11.24 -10.35 0.48
N HIS A 82 12.24 -9.47 0.44
CA HIS A 82 13.34 -9.61 -0.50
C HIS A 82 14.19 -10.84 -0.21
N ILE A 83 14.43 -11.13 1.07
CA ILE A 83 15.28 -12.27 1.42
C ILE A 83 14.67 -13.58 0.96
N ARG A 84 13.33 -13.66 0.93
CA ARG A 84 12.69 -14.87 0.42
C ARG A 84 13.10 -15.17 -1.02
N ILE A 85 13.45 -14.13 -1.80
CA ILE A 85 13.93 -14.36 -3.16
C ILE A 85 15.22 -15.16 -3.13
N HIS A 86 16.18 -14.74 -2.30
CA HIS A 86 17.46 -15.46 -2.22
C HIS A 86 17.25 -16.91 -1.83
N ARG A 87 16.30 -17.17 -0.95
CA ARG A 87 16.12 -18.50 -0.38
C ARG A 87 15.12 -19.35 -1.15
N GLY A 88 14.56 -18.83 -2.24
CA GLY A 88 13.58 -19.59 -3.01
C GLY A 88 12.33 -19.91 -2.24
N GLU A 89 11.95 -19.07 -1.28
CA GLU A 89 10.81 -19.31 -0.41
C GLU A 89 9.56 -18.67 -1.02
N LYS A 90 8.63 -19.51 -1.48
CA LYS A 90 7.42 -19.05 -2.14
C LYS A 90 6.19 -19.57 -1.39
N PRO A 91 5.87 -18.96 -0.25
CA PRO A 91 4.76 -19.47 0.58
C PRO A 91 3.38 -19.02 0.13
N TYR A 92 3.27 -18.15 -0.88
CA TYR A 92 1.99 -17.68 -1.38
C TYR A 92 1.65 -18.39 -2.68
N SER A 93 0.51 -19.08 -2.70
CA SER A 93 0.12 -19.85 -3.86
C SER A 93 -1.31 -19.52 -4.25
N CYS A 94 -1.55 -19.45 -5.56
CA CYS A 94 -2.90 -19.32 -6.06
C CYS A 94 -3.64 -20.65 -5.87
N SER A 95 -4.74 -20.62 -5.12
CA SER A 95 -5.51 -21.84 -4.91
C SER A 95 -6.17 -22.34 -6.18
N ILE A 96 -6.28 -21.49 -7.20
CA ILE A 96 -7.00 -21.84 -8.41
C ILE A 96 -6.10 -22.56 -9.40
N CYS A 97 -4.91 -22.04 -9.67
CA CYS A 97 -4.03 -22.66 -10.65
C CYS A 97 -2.72 -23.17 -10.04
N GLY A 98 -2.48 -22.96 -8.75
CA GLY A 98 -1.30 -23.50 -8.11
C GLY A 98 -0.03 -22.72 -8.27
N LYS A 99 -0.04 -21.62 -9.02
CA LYS A 99 1.17 -20.82 -9.17
C LYS A 99 1.58 -20.25 -7.82
N CYS A 100 2.89 -20.24 -7.56
N CYS A 100 2.89 -20.25 -7.55
CA CYS A 100 3.43 -19.83 -6.27
CA CYS A 100 3.41 -19.82 -6.26
C CYS A 100 4.33 -18.61 -6.43
C CYS A 100 4.33 -18.62 -6.43
N PHE A 101 4.43 -17.83 -5.35
CA PHE A 101 5.16 -16.56 -5.37
C PHE A 101 5.84 -16.36 -4.03
N SER A 102 7.00 -15.70 -4.06
CA SER A 102 7.62 -15.23 -2.83
C SER A 102 7.01 -13.92 -2.35
N ASP A 103 6.38 -13.16 -3.24
CA ASP A 103 5.86 -11.84 -2.96
C ASP A 103 4.34 -11.92 -2.81
N SER A 104 3.83 -11.46 -1.66
CA SER A 104 2.40 -11.58 -1.38
C SER A 104 1.56 -10.73 -2.32
N SER A 105 2.08 -9.60 -2.77
CA SER A 105 1.30 -8.76 -3.67
C SER A 105 1.29 -9.32 -5.08
N ALA A 106 2.39 -9.93 -5.52
CA ALA A 106 2.37 -10.62 -6.81
C ALA A 106 1.28 -11.69 -6.83
N LYS A 107 1.16 -12.42 -5.73
CA LYS A 107 0.15 -13.46 -5.65
C LYS A 107 -1.25 -12.87 -5.70
N ARG A 108 -1.51 -11.85 -4.88
CA ARG A 108 -2.83 -11.23 -4.87
C ARG A 108 -3.17 -10.66 -6.24
N ARG A 109 -2.20 -9.99 -6.87
CA ARG A 109 -2.43 -9.40 -8.19
C ARG A 109 -2.74 -10.47 -9.21
N HIS A 110 -2.01 -11.59 -9.16
CA HIS A 110 -2.25 -12.70 -10.08
C HIS A 110 -3.67 -13.24 -9.95
N CYS A 111 -4.16 -13.37 -8.72
CA CYS A 111 -5.45 -14.03 -8.51
C CYS A 111 -6.60 -13.29 -9.19
N ILE A 112 -6.45 -11.97 -9.38
CA ILE A 112 -7.47 -11.17 -10.04
C ILE A 112 -7.72 -11.66 -11.47
N LEU A 113 -6.69 -12.20 -12.12
CA LEU A 113 -6.84 -12.65 -13.50
C LEU A 113 -7.87 -13.76 -13.64
N HIS A 114 -8.10 -14.54 -12.58
CA HIS A 114 -9.12 -15.59 -12.65
C HIS A 114 -10.53 -15.03 -12.58
N THR A 115 -10.70 -13.74 -12.30
CA THR A 115 -12.01 -13.11 -12.33
C THR A 115 -12.39 -12.58 -13.71
N GLY A 116 -11.41 -12.39 -14.58
CA GLY A 116 -11.68 -11.84 -15.90
C GLY A 116 -11.99 -10.36 -15.94
N LYS A 117 -12.02 -9.68 -14.79
CA LYS A 117 -12.37 -8.27 -14.75
C LYS A 117 -11.28 -7.43 -15.40
N LYS A 118 -11.68 -6.51 -16.29
CA LYS A 118 -10.77 -5.59 -16.96
C LYS A 118 -11.35 -4.19 -16.85
N PRO A 119 -11.18 -3.53 -15.70
CA PRO A 119 -11.89 -2.27 -15.46
C PRO A 119 -11.19 -1.03 -16.01
N PHE A 120 -10.04 -1.17 -16.68
CA PHE A 120 -9.28 -0.02 -17.17
C PHE A 120 -9.37 0.05 -18.69
N SER A 121 -10.10 1.04 -19.21
CA SER A 121 -10.43 1.14 -20.62
C SER A 121 -9.70 2.32 -21.26
N CYS A 122 -8.94 2.05 -22.32
CA CYS A 122 -8.21 3.11 -23.03
C CYS A 122 -9.19 4.17 -23.54
N PRO A 123 -9.03 5.43 -23.15
CA PRO A 123 -9.95 6.47 -23.63
C PRO A 123 -9.79 6.78 -25.11
N GLU A 124 -8.74 6.31 -25.75
CA GLU A 124 -8.52 6.59 -27.17
C GLU A 124 -9.08 5.50 -28.08
N CYS A 125 -8.97 4.23 -27.69
CA CYS A 125 -9.43 3.13 -28.55
C CYS A 125 -10.34 2.13 -27.86
N GLY A 126 -10.52 2.21 -26.55
CA GLY A 126 -11.44 1.33 -25.86
C GLY A 126 -10.91 -0.04 -25.48
N LEU A 127 -9.64 -0.34 -25.75
CA LEU A 127 -9.07 -1.61 -25.32
C LEU A 127 -9.04 -1.66 -23.80
N GLN A 128 -9.50 -2.78 -23.24
CA GLN A 128 -9.65 -2.93 -21.79
C GLN A 128 -8.49 -3.74 -21.21
N PHE A 129 -8.07 -3.37 -20.00
CA PHE A 129 -6.95 -4.02 -19.33
C PHE A 129 -7.33 -4.39 -17.91
N ALA A 130 -6.80 -5.53 -17.44
CA ALA A 130 -6.93 -5.88 -16.03
C ALA A 130 -6.04 -5.01 -15.16
N ARG A 131 -4.96 -4.49 -15.71
CA ARG A 131 -3.93 -3.80 -14.96
C ARG A 131 -3.82 -2.36 -15.44
N LEU A 132 -3.92 -1.41 -14.50
CA LEU A 132 -3.68 -0.02 -14.82
C LEU A 132 -2.28 0.18 -15.39
N ASP A 133 -1.32 -0.62 -14.93
CA ASP A 133 0.03 -0.66 -15.51
C ASP A 133 -0.03 -0.77 -17.02
N ASN A 134 -0.68 -1.83 -17.50
CA ASN A 134 -0.69 -2.10 -18.93
C ASN A 134 -1.39 -0.98 -19.72
N LEU A 135 -2.39 -0.33 -19.10
CA LEU A 135 -3.05 0.78 -19.79
C LEU A 135 -2.13 1.98 -19.91
N LYS A 136 -1.39 2.31 -18.85
CA LYS A 136 -0.41 3.39 -18.92
C LYS A 136 0.58 3.16 -20.06
N ALA A 137 1.18 1.98 -20.09
CA ALA A 137 2.13 1.66 -21.17
C ALA A 137 1.44 1.71 -22.53
N HIS A 138 0.20 1.24 -22.59
CA HIS A 138 -0.54 1.24 -23.86
C HIS A 138 -0.74 2.65 -24.37
N LEU A 139 -1.07 3.59 -23.47
CA LEU A 139 -1.32 4.97 -23.90
C LEU A 139 -0.07 5.63 -24.45
N LYS A 140 1.12 5.18 -24.02
CA LYS A 140 2.34 5.74 -24.58
C LYS A 140 2.47 5.45 -26.07
N ILE A 141 1.84 4.36 -26.53
CA ILE A 141 1.86 4.06 -27.97
C ILE A 141 1.04 5.08 -28.74
N HIS A 142 -0.12 5.48 -28.19
CA HIS A 142 -0.92 6.53 -28.82
C HIS A 142 -0.15 7.84 -28.90
N SER A 143 0.67 8.14 -27.89
CA SER A 143 1.41 9.40 -27.90
C SER A 143 2.55 9.35 -28.90
N LYS A 144 3.30 8.24 -28.93
CA LYS A 144 4.34 8.08 -29.94
C LYS A 144 3.77 8.00 -31.36
N GLU A 145 2.49 7.67 -31.49
CA GLU A 145 1.84 7.72 -32.80
C GLU A 145 1.50 9.14 -33.21
N LYS A 146 1.25 10.01 -32.24
CA LYS A 146 0.93 11.41 -32.52
C LYS A 146 2.19 12.27 -32.54
N1 5CM B 15 -3.11 -1.89 14.22
C2 5CM B 15 -1.63 -1.99 14.11
N3 5CM B 15 -0.94 -0.82 13.91
C4 5CM B 15 -1.49 0.42 13.80
C5 5CM B 15 -2.89 0.60 13.91
C5A 5CM B 15 -3.54 1.96 13.80
C6 5CM B 15 -3.68 -0.56 14.12
O2 5CM B 15 -1.09 -3.06 14.19
N4 5CM B 15 -0.65 1.44 13.60
C1' 5CM B 15 -3.89 -3.07 14.47
C2' 5CM B 15 -5.23 -2.81 15.14
C3' 5CM B 15 -5.89 -4.12 14.80
C4' 5CM B 15 -5.35 -4.53 13.42
O4' 5CM B 15 -4.20 -3.66 13.22
O3' 5CM B 15 -5.43 -5.07 15.74
C5' 5CM B 15 -6.39 -4.32 12.33
O5' 5CM B 15 -7.15 -3.15 12.63
P 5CM B 15 -8.22 -2.64 11.42
OP1 5CM B 15 -9.21 -3.73 11.10
OP2 5CM B 15 -8.87 -1.34 11.79
ZN ZN D . -14.26 6.96 14.34
ZN ZN E . 6.35 14.49 3.91
ZN ZN F . 19.63 -9.39 -1.13
ZN ZN G . -3.87 -18.68 -10.46
ZN ZN H . -5.82 2.64 -26.93
C1 EDO I . -7.67 12.06 -22.26
O1 EDO I . -7.91 11.08 -23.28
C2 EDO I . -8.88 12.98 -22.13
O2 EDO I . -9.11 13.62 -23.39
C1 EDO J . 16.21 -8.76 -6.21
O1 EDO J . 17.28 -7.88 -5.82
C2 EDO J . 16.77 -9.99 -6.89
O2 EDO J . 17.59 -10.72 -5.96
C1 EDO K . 2.88 -1.81 32.85
O1 EDO K . 2.82 -0.70 33.75
C2 EDO K . 2.66 -1.32 31.41
O2 EDO K . 3.75 -0.48 31.02
C1 PEG L . 13.29 -3.37 -9.96
O1 PEG L . 12.54 -4.34 -10.65
C2 PEG L . 12.75 -3.22 -8.54
O2 PEG L . 11.49 -2.61 -8.56
C3 PEG L . 11.41 -1.48 -7.75
C4 PEG L . 9.97 -1.24 -7.32
O4 PEG L . 9.87 -0.16 -6.44
C1 PEG M . 1.18 4.73 -0.70
O1 PEG M . 1.05 5.34 -1.96
C2 PEG M . 0.20 3.58 -0.57
O2 PEG M . 0.16 3.13 0.75
C3 PEG M . -0.74 2.10 1.07
C4 PEG M . -1.43 2.41 2.39
O4 PEG M . -1.64 1.23 3.12
#